data_2AU1
#
_entry.id   2AU1
#
_cell.length_a   63.865
_cell.length_b   87.175
_cell.length_c   57.603
_cell.angle_alpha   90.00
_cell.angle_beta   90.00
_cell.angle_gamma   90.00
#
_symmetry.space_group_name_H-M   'P 21 21 2'
#
loop_
_entity.id
_entity.type
_entity.pdbx_description
1 polymer 'IgG-degrading protease'
2 non-polymer BETA-MERCAPTOETHANOL
3 water water
#
_entity_poly.entity_id   1
_entity_poly.type   'polypeptide(L)'
_entity_poly.pdbx_seq_one_letter_code
;VTSVWTKGVTPPANFTQGEDVFHAPYVANQGWYDITKTFNGKDDLLCGAATAGNMLHWWFDQNKDQIKRYLEEHPEKQKI
NFNGEQMFDVKEAIDTKNHQLDSKLFEYFKEKAFPYLSTKHLGVFPDHVIDMFINGYRLSLTNHGPTPVKEGSKDPRGGI
FDAVFTRGDQSKLLTSRHDFKEKNLKEISDLIKKELTEGKALGLSHTYANVRINHVINLWGADFDSNGNLKAIYVTDSDS
NASIGMKKYFVGVNSAGKVAISAKEIKEDNIGAQVLGLFTLSTGQDSWNQTN
;
_entity_poly.pdbx_strand_id   A
#
loop_
_chem_comp.id
_chem_comp.type
_chem_comp.name
_chem_comp.formula
BME non-polymer BETA-MERCAPTOETHANOL 'C2 H6 O S'
#
# COMPACT_ATOMS: atom_id res chain seq x y z
N VAL A 1 7.88 23.25 10.14
CA VAL A 1 8.07 22.10 9.22
C VAL A 1 6.81 21.79 8.38
N THR A 2 6.77 22.33 7.16
CA THR A 2 5.63 22.08 6.27
C THR A 2 5.38 20.57 6.19
N SER A 3 4.12 20.17 6.07
CA SER A 3 3.81 18.76 5.97
C SER A 3 2.78 18.51 4.87
N VAL A 4 2.79 17.30 4.33
CA VAL A 4 1.87 16.94 3.27
C VAL A 4 1.24 15.59 3.55
N TRP A 5 -0.09 15.54 3.47
CA TRP A 5 -0.79 14.29 3.72
C TRP A 5 -1.41 13.73 2.46
N THR A 6 -1.71 12.45 2.49
CA THR A 6 -2.33 11.77 1.36
C THR A 6 -3.68 12.40 1.08
N LYS A 7 -4.06 12.46 -0.19
CA LYS A 7 -5.34 13.02 -0.58
C LYS A 7 -6.47 12.32 0.19
N GLY A 8 -7.36 13.10 0.78
CA GLY A 8 -8.49 12.52 1.49
C GLY A 8 -8.25 11.92 2.86
N VAL A 9 -7.08 12.16 3.43
CA VAL A 9 -6.79 11.60 4.73
C VAL A 9 -6.66 12.69 5.79
N THR A 10 -7.39 12.50 6.90
CA THR A 10 -7.41 13.43 8.03
C THR A 10 -6.29 13.13 9.01
N PRO A 11 -5.33 14.07 9.18
CA PRO A 11 -4.22 13.83 10.10
C PRO A 11 -4.74 13.48 11.49
N PRO A 12 -4.28 12.35 12.06
CA PRO A 12 -4.76 11.99 13.40
C PRO A 12 -4.45 13.12 14.39
N ALA A 13 -5.23 13.18 15.46
CA ALA A 13 -5.04 14.21 16.48
C ALA A 13 -4.93 13.56 17.85
N ASN A 14 -4.71 12.25 17.86
CA ASN A 14 -4.60 11.54 19.12
C ASN A 14 -3.25 10.86 19.31
N PHE A 15 -2.19 11.51 18.84
CA PHE A 15 -0.84 10.97 18.97
C PHE A 15 -0.41 10.98 20.44
N THR A 16 0.36 9.97 20.82
CA THR A 16 0.84 9.84 22.18
C THR A 16 2.23 9.25 22.12
N GLN A 17 3.10 9.65 23.04
CA GLN A 17 4.43 9.07 23.06
C GLN A 17 4.22 7.75 23.74
N GLY A 18 4.57 6.68 23.06
CA GLY A 18 4.40 5.38 23.64
C GLY A 18 5.68 4.85 24.22
N GLU A 19 5.58 3.59 24.60
CA GLU A 19 6.65 2.83 25.20
C GLU A 19 7.91 2.88 24.30
N ASP A 20 7.70 2.72 22.99
CA ASP A 20 8.79 2.67 22.00
C ASP A 20 8.68 3.63 20.82
N VAL A 21 7.46 4.12 20.58
CA VAL A 21 7.18 5.01 19.44
C VAL A 21 6.09 6.04 19.78
N PHE A 22 5.98 7.08 18.96
CA PHE A 22 4.99 8.13 19.10
C PHE A 22 3.92 7.68 18.11
N HIS A 23 2.68 7.45 18.58
CA HIS A 23 1.64 6.95 17.69
C HIS A 23 0.25 7.49 17.95
N ALA A 24 -0.65 7.19 17.01
CA ALA A 24 -2.04 7.60 17.10
C ALA A 24 -2.91 6.36 16.88
N PRO A 25 -3.57 5.87 17.93
CA PRO A 25 -4.43 4.68 17.80
C PRO A 25 -5.42 4.79 16.65
N TYR A 26 -5.62 3.68 15.94
CA TYR A 26 -6.52 3.66 14.80
C TYR A 26 -7.94 4.16 15.08
N VAL A 27 -8.46 4.94 14.13
CA VAL A 27 -9.82 5.48 14.18
C VAL A 27 -10.41 5.33 12.78
N ALA A 28 -11.53 4.63 12.67
CA ALA A 28 -12.16 4.40 11.38
C ALA A 28 -12.72 5.64 10.69
N ASN A 29 -12.87 5.54 9.37
CA ASN A 29 -13.42 6.60 8.53
C ASN A 29 -12.67 7.92 8.52
N GLN A 30 -11.43 7.87 9.00
CA GLN A 30 -10.56 9.03 9.07
C GLN A 30 -9.79 9.16 7.74
N GLY A 31 -10.00 8.21 6.84
CA GLY A 31 -9.34 8.24 5.55
C GLY A 31 -8.17 7.26 5.40
N TRP A 32 -7.58 6.84 6.53
CA TRP A 32 -6.46 5.92 6.46
C TRP A 32 -6.79 4.54 6.96
N TYR A 33 -5.96 3.56 6.61
CA TYR A 33 -6.19 2.19 7.02
C TYR A 33 -4.96 1.46 7.60
N ASP A 34 -5.22 0.48 8.47
CA ASP A 34 -4.16 -0.27 9.12
C ASP A 34 -4.43 -1.78 9.18
N ILE A 35 -4.44 -2.43 8.01
CA ILE A 35 -4.64 -3.86 7.96
C ILE A 35 -3.52 -4.47 8.81
N THR A 36 -3.91 -5.23 9.84
CA THR A 36 -2.97 -5.85 10.76
C THR A 36 -2.91 -7.37 10.55
N LYS A 37 -1.69 -7.91 10.57
CA LYS A 37 -1.48 -9.35 10.41
C LYS A 37 -1.79 -10.14 11.67
N THR A 38 -2.25 -11.38 11.51
CA THR A 38 -2.58 -12.23 12.67
C THR A 38 -1.51 -13.33 12.77
N PHE A 39 -0.55 -13.29 11.84
CA PHE A 39 0.52 -14.29 11.78
C PHE A 39 -0.04 -15.69 11.93
N ASN A 40 -1.05 -15.99 11.14
CA ASN A 40 -1.70 -17.28 11.18
C ASN A 40 -1.06 -18.28 10.21
N GLY A 41 0.20 -18.03 9.86
CA GLY A 41 0.91 -18.91 8.94
C GLY A 41 0.76 -18.60 7.46
N LYS A 42 -0.30 -17.89 7.09
CA LYS A 42 -0.53 -17.57 5.69
C LYS A 42 -0.20 -16.11 5.34
N ASP A 43 -0.25 -15.23 6.34
CA ASP A 43 0.03 -13.80 6.13
C ASP A 43 1.30 -13.30 6.81
N ASP A 44 2.02 -14.18 7.50
CA ASP A 44 3.24 -13.83 8.22
C ASP A 44 4.24 -12.93 7.46
N LEU A 45 4.36 -13.14 6.15
CA LEU A 45 5.29 -12.37 5.34
C LEU A 45 4.59 -11.67 4.17
N LEU A 46 3.30 -11.38 4.33
CA LEU A 46 2.52 -10.72 3.29
C LEU A 46 2.38 -9.21 3.48
N CYS A 47 3.34 -8.57 4.16
CA CYS A 47 3.25 -7.13 4.37
C CYS A 47 3.03 -6.41 3.05
N GLY A 48 3.47 -7.04 1.96
CA GLY A 48 3.29 -6.47 0.64
C GLY A 48 1.81 -6.37 0.31
N ALA A 49 1.11 -7.51 0.39
CA ALA A 49 -0.32 -7.56 0.12
C ALA A 49 -1.12 -6.72 1.12
N ALA A 50 -0.61 -6.59 2.35
CA ALA A 50 -1.32 -5.78 3.35
C ALA A 50 -1.26 -4.29 2.98
N THR A 51 -0.07 -3.84 2.56
CA THR A 51 0.12 -2.45 2.15
C THR A 51 -0.79 -2.24 0.96
N ALA A 52 -0.77 -3.19 0.03
CA ALA A 52 -1.58 -3.13 -1.17
C ALA A 52 -3.06 -3.09 -0.77
N GLY A 53 -3.39 -3.81 0.30
CA GLY A 53 -4.77 -3.83 0.76
C GLY A 53 -5.17 -2.46 1.30
N ASN A 54 -4.26 -1.84 2.05
CA ASN A 54 -4.54 -0.52 2.61
C ASN A 54 -4.67 0.52 1.52
N MET A 55 -3.85 0.42 0.47
CA MET A 55 -3.92 1.40 -0.61
C MET A 55 -5.26 1.26 -1.34
N LEU A 56 -5.75 0.03 -1.44
CA LEU A 56 -7.02 -0.23 -2.09
C LEU A 56 -8.23 0.23 -1.25
N HIS A 57 -8.09 0.24 0.08
CA HIS A 57 -9.19 0.71 0.91
C HIS A 57 -9.38 2.21 0.67
N TRP A 58 -8.26 2.93 0.59
CA TRP A 58 -8.25 4.37 0.34
C TRP A 58 -8.88 4.61 -1.04
N TRP A 59 -8.56 3.70 -1.97
CA TRP A 59 -9.03 3.76 -3.35
C TRP A 59 -10.56 3.62 -3.39
N PHE A 60 -11.09 2.76 -2.52
CA PHE A 60 -12.53 2.53 -2.44
C PHE A 60 -13.25 3.85 -2.10
N ASP A 61 -12.72 4.57 -1.13
CA ASP A 61 -13.29 5.85 -0.67
C ASP A 61 -13.33 6.85 -1.82
N GLN A 62 -12.19 6.98 -2.50
CA GLN A 62 -11.97 7.90 -3.60
C GLN A 62 -12.80 7.64 -4.85
N ASN A 63 -13.34 6.42 -4.96
CA ASN A 63 -14.12 6.04 -6.13
C ASN A 63 -15.45 5.39 -5.76
N LYS A 64 -15.88 5.58 -4.52
CA LYS A 64 -17.13 5.03 -3.99
C LYS A 64 -18.27 5.05 -5.02
N ASP A 65 -18.57 6.21 -5.55
CA ASP A 65 -19.66 6.36 -6.52
C ASP A 65 -19.41 5.67 -7.86
N GLN A 66 -18.21 5.80 -8.39
CA GLN A 66 -17.87 5.19 -9.68
C GLN A 66 -17.88 3.67 -9.58
N ILE A 67 -17.40 3.15 -8.46
CA ILE A 67 -17.38 1.72 -8.25
C ILE A 67 -18.80 1.16 -8.20
N LYS A 68 -19.72 1.92 -7.61
CA LYS A 68 -21.11 1.51 -7.51
C LYS A 68 -21.73 1.41 -8.91
N ARG A 69 -21.54 2.46 -9.71
CA ARG A 69 -22.08 2.49 -11.06
C ARG A 69 -21.39 1.42 -11.91
N TYR A 70 -20.15 1.12 -11.59
CA TYR A 70 -19.41 0.09 -12.32
C TYR A 70 -20.05 -1.28 -12.09
N LEU A 71 -20.32 -1.62 -10.83
CA LEU A 71 -20.93 -2.91 -10.53
C LEU A 71 -22.36 -2.96 -11.04
N GLU A 72 -22.88 -1.80 -11.40
CA GLU A 72 -24.23 -1.69 -11.93
C GLU A 72 -24.17 -2.12 -13.41
N GLU A 73 -23.12 -1.65 -14.09
CA GLU A 73 -22.90 -1.95 -15.50
C GLU A 73 -22.47 -3.40 -15.69
N HIS A 74 -21.53 -3.84 -14.85
CA HIS A 74 -20.97 -5.19 -14.94
C HIS A 74 -21.14 -6.00 -13.64
N PRO A 75 -22.36 -6.47 -13.39
CA PRO A 75 -22.74 -7.26 -12.21
C PRO A 75 -21.85 -8.48 -11.92
N GLU A 76 -21.39 -9.17 -12.96
CA GLU A 76 -20.57 -10.37 -12.78
C GLU A 76 -19.16 -10.11 -12.29
N LYS A 77 -18.74 -8.85 -12.30
CA LYS A 77 -17.40 -8.52 -11.83
C LYS A 77 -17.39 -8.39 -10.31
N GLN A 78 -18.58 -8.36 -9.71
CA GLN A 78 -18.74 -8.23 -8.26
C GLN A 78 -18.17 -9.41 -7.48
N LYS A 79 -18.43 -10.62 -7.98
CA LYS A 79 -17.95 -11.80 -7.30
C LYS A 79 -16.99 -12.60 -8.17
N ILE A 80 -16.10 -13.33 -7.51
CA ILE A 80 -15.11 -14.16 -8.19
C ILE A 80 -15.34 -15.60 -7.74
N ASN A 81 -15.72 -16.47 -8.67
CA ASN A 81 -15.94 -17.86 -8.32
C ASN A 81 -14.84 -18.74 -8.89
N PHE A 82 -14.63 -19.87 -8.24
CA PHE A 82 -13.63 -20.84 -8.70
C PHE A 82 -14.31 -22.19 -8.73
N ASN A 83 -14.73 -22.59 -9.92
CA ASN A 83 -15.38 -23.87 -10.13
C ASN A 83 -16.49 -24.14 -9.10
N GLY A 84 -17.50 -23.29 -9.06
CA GLY A 84 -18.60 -23.53 -8.14
C GLY A 84 -18.57 -22.86 -6.78
N GLU A 85 -17.38 -22.58 -6.24
CA GLU A 85 -17.32 -21.94 -4.94
C GLU A 85 -16.86 -20.49 -5.05
N GLN A 86 -17.54 -19.60 -4.33
CA GLN A 86 -17.23 -18.18 -4.30
C GLN A 86 -15.89 -17.94 -3.60
N MET A 87 -14.99 -17.19 -4.23
CA MET A 87 -13.67 -16.92 -3.65
C MET A 87 -13.59 -15.52 -3.07
N PHE A 88 -14.48 -14.63 -3.52
CA PHE A 88 -14.42 -13.26 -3.09
C PHE A 88 -15.63 -12.48 -3.58
N ASP A 89 -16.10 -11.55 -2.74
CA ASP A 89 -17.20 -10.67 -3.09
C ASP A 89 -16.65 -9.27 -2.79
N VAL A 90 -16.48 -8.45 -3.83
CA VAL A 90 -15.90 -7.11 -3.64
C VAL A 90 -16.76 -6.23 -2.71
N LYS A 91 -18.05 -6.52 -2.62
CA LYS A 91 -18.94 -5.74 -1.75
C LYS A 91 -18.66 -6.06 -0.30
N GLU A 92 -18.27 -7.30 -0.01
CA GLU A 92 -17.95 -7.64 1.36
C GLU A 92 -16.69 -6.89 1.74
N ALA A 93 -15.77 -6.79 0.78
CA ALA A 93 -14.51 -6.10 1.02
C ALA A 93 -14.79 -4.64 1.37
N ILE A 94 -15.69 -4.04 0.62
CA ILE A 94 -16.05 -2.64 0.84
C ILE A 94 -16.74 -2.41 2.17
N ASP A 95 -17.61 -3.34 2.60
CA ASP A 95 -18.31 -3.18 3.88
C ASP A 95 -17.38 -3.36 5.08
N THR A 96 -16.31 -4.12 4.90
CA THR A 96 -15.38 -4.41 5.97
C THR A 96 -14.03 -3.69 5.87
N LYS A 97 -13.89 -2.77 4.92
CA LYS A 97 -12.61 -2.06 4.74
C LYS A 97 -12.02 -1.43 6.00
N ASN A 98 -12.89 -1.00 6.92
CA ASN A 98 -12.40 -0.36 8.13
C ASN A 98 -11.79 -1.32 9.14
N HIS A 99 -12.05 -2.61 8.97
CA HIS A 99 -11.55 -3.61 9.91
C HIS A 99 -10.07 -3.90 9.78
N GLN A 100 -9.34 -3.74 10.88
CA GLN A 100 -7.90 -3.98 10.93
C GLN A 100 -7.52 -5.46 10.84
N LEU A 101 -8.17 -6.28 11.65
CA LEU A 101 -7.85 -7.71 11.73
C LEU A 101 -8.62 -8.68 10.87
N ASP A 102 -9.85 -8.33 10.47
CA ASP A 102 -10.64 -9.26 9.67
C ASP A 102 -11.35 -8.64 8.48
N SER A 103 -10.67 -7.75 7.77
CA SER A 103 -11.27 -7.15 6.59
C SER A 103 -11.43 -8.27 5.58
N LYS A 104 -12.45 -8.19 4.74
CA LYS A 104 -12.67 -9.24 3.76
C LYS A 104 -11.59 -9.27 2.67
N LEU A 105 -11.00 -8.11 2.38
CA LEU A 105 -9.97 -8.03 1.35
C LEU A 105 -8.67 -8.73 1.71
N PHE A 106 -8.15 -8.46 2.90
CA PHE A 106 -6.90 -9.09 3.29
C PHE A 106 -7.12 -10.58 3.49
N GLU A 107 -8.29 -10.95 3.99
CA GLU A 107 -8.62 -12.36 4.19
C GLU A 107 -8.52 -13.05 2.84
N TYR A 108 -8.99 -12.38 1.79
CA TYR A 108 -8.92 -12.93 0.44
C TYR A 108 -7.47 -13.12 -0.01
N PHE A 109 -6.63 -12.12 0.26
CA PHE A 109 -5.22 -12.16 -0.11
C PHE A 109 -4.47 -13.29 0.60
N LYS A 110 -4.62 -13.36 1.91
CA LYS A 110 -3.93 -14.38 2.70
C LYS A 110 -4.50 -15.79 2.58
N GLU A 111 -5.80 -15.89 2.32
CA GLU A 111 -6.42 -17.20 2.23
C GLU A 111 -6.51 -17.82 0.84
N LYS A 112 -6.89 -17.03 -0.17
CA LYS A 112 -7.06 -17.53 -1.52
C LYS A 112 -6.08 -17.07 -2.61
N ALA A 113 -5.72 -15.79 -2.60
CA ALA A 113 -4.80 -15.28 -3.61
C ALA A 113 -3.35 -15.72 -3.42
N PHE A 114 -2.74 -15.30 -2.31
CA PHE A 114 -1.34 -15.62 -2.03
C PHE A 114 -1.16 -16.41 -0.73
N PRO A 115 -1.85 -17.54 -0.60
CA PRO A 115 -1.76 -18.36 0.61
C PRO A 115 -0.37 -18.88 0.94
N TYR A 116 0.11 -19.79 0.10
CA TYR A 116 1.38 -20.45 0.28
C TYR A 116 2.64 -19.58 0.19
N LEU A 117 2.53 -18.27 0.29
CA LEU A 117 3.72 -17.44 0.21
C LEU A 117 4.46 -17.28 1.54
N SER A 118 3.70 -17.12 2.62
CA SER A 118 4.29 -16.93 3.95
C SER A 118 4.88 -18.19 4.59
N THR A 119 4.62 -19.35 4.00
CA THR A 119 5.14 -20.61 4.52
C THR A 119 6.33 -20.99 3.64
N LYS A 120 6.73 -20.09 2.74
CA LYS A 120 7.79 -20.32 1.76
C LYS A 120 8.98 -19.35 1.74
N HIS A 121 8.92 -18.43 2.69
CA HIS A 121 9.80 -17.30 3.01
C HIS A 121 10.41 -16.39 1.89
N LEU A 122 9.43 -15.87 1.12
CA LEU A 122 9.53 -14.90 0.01
C LEU A 122 8.10 -14.38 -0.30
N GLY A 123 7.96 -13.08 -0.59
CA GLY A 123 6.63 -12.52 -0.83
C GLY A 123 6.24 -11.79 -2.12
N VAL A 124 5.24 -10.91 -2.00
CA VAL A 124 4.67 -10.13 -3.11
C VAL A 124 4.87 -8.60 -2.98
N PHE A 125 4.84 -7.91 -4.12
CA PHE A 125 5.00 -6.45 -4.14
C PHE A 125 3.67 -5.72 -4.29
N PRO A 126 3.52 -4.58 -3.62
CA PRO A 126 2.32 -3.74 -3.62
C PRO A 126 1.73 -3.42 -5.00
N ASP A 127 2.53 -2.86 -5.89
CA ASP A 127 2.04 -2.50 -7.21
C ASP A 127 1.60 -3.73 -8.03
N HIS A 128 2.28 -4.86 -7.87
CA HIS A 128 1.89 -6.06 -8.60
C HIS A 128 0.50 -6.53 -8.17
N VAL A 129 0.23 -6.48 -6.86
CA VAL A 129 -1.07 -6.92 -6.32
C VAL A 129 -2.22 -6.03 -6.79
N ILE A 130 -2.01 -4.72 -6.77
CA ILE A 130 -3.03 -3.79 -7.18
C ILE A 130 -3.29 -3.90 -8.69
N ASP A 131 -2.22 -3.99 -9.47
CA ASP A 131 -2.38 -4.12 -10.92
C ASP A 131 -3.19 -5.38 -11.25
N MET A 132 -3.01 -6.43 -10.45
CA MET A 132 -3.73 -7.67 -10.68
C MET A 132 -5.20 -7.49 -10.35
N PHE A 133 -5.43 -7.06 -9.11
CA PHE A 133 -6.75 -6.83 -8.56
C PHE A 133 -7.67 -5.98 -9.42
N ILE A 134 -7.18 -4.82 -9.83
CA ILE A 134 -7.95 -3.90 -10.66
C ILE A 134 -7.99 -4.28 -12.13
N ASN A 135 -6.83 -4.18 -12.79
CA ASN A 135 -6.64 -4.44 -14.22
C ASN A 135 -6.68 -5.91 -14.63
N GLY A 136 -6.18 -6.78 -13.76
CA GLY A 136 -6.16 -8.20 -14.08
C GLY A 136 -4.82 -8.69 -14.57
N TYR A 137 -3.80 -7.85 -14.53
CA TYR A 137 -2.46 -8.25 -14.97
C TYR A 137 -2.03 -9.47 -14.18
N ARG A 138 -1.57 -10.51 -14.88
CA ARG A 138 -1.13 -11.75 -14.23
C ARG A 138 0.09 -11.44 -13.38
N LEU A 139 0.05 -11.87 -12.12
CA LEU A 139 1.16 -11.64 -11.20
C LEU A 139 2.12 -12.81 -11.21
N SER A 140 3.37 -12.52 -11.56
CA SER A 140 4.40 -13.54 -11.61
C SER A 140 5.29 -13.39 -10.39
N LEU A 141 5.60 -14.51 -9.75
CA LEU A 141 6.46 -14.48 -8.58
C LEU A 141 7.92 -14.46 -8.99
N THR A 142 8.17 -14.69 -10.27
CA THR A 142 9.53 -14.69 -10.79
C THR A 142 9.88 -13.39 -11.50
N ASN A 143 8.90 -12.52 -11.67
CA ASN A 143 9.15 -11.23 -12.29
C ASN A 143 9.59 -10.26 -11.19
N HIS A 144 10.77 -9.69 -11.35
CA HIS A 144 11.30 -8.78 -10.35
C HIS A 144 11.39 -7.33 -10.77
N GLY A 145 10.45 -6.88 -11.59
CA GLY A 145 10.48 -5.50 -12.01
C GLY A 145 9.08 -4.95 -12.19
N PRO A 146 8.96 -3.78 -12.81
CA PRO A 146 7.66 -3.14 -13.06
C PRO A 146 6.69 -4.06 -13.78
N THR A 147 5.41 -3.76 -13.68
CA THR A 147 4.40 -4.55 -14.36
C THR A 147 4.50 -4.26 -15.85
N PRO A 148 4.72 -5.29 -16.67
CA PRO A 148 4.82 -5.11 -18.12
C PRO A 148 3.47 -4.65 -18.67
N VAL A 149 3.42 -3.44 -19.25
CA VAL A 149 2.17 -2.94 -19.81
C VAL A 149 1.89 -3.59 -21.17
N LYS A 150 1.68 -4.90 -21.16
CA LYS A 150 1.39 -5.64 -22.38
C LYS A 150 -0.02 -6.18 -22.29
N GLU A 151 -0.56 -6.65 -23.41
CA GLU A 151 -1.91 -7.20 -23.41
C GLU A 151 -1.83 -8.67 -23.02
N GLY A 152 -2.96 -9.24 -22.59
CA GLY A 152 -2.96 -10.64 -22.20
C GLY A 152 -4.17 -11.09 -21.43
N SER A 153 -4.19 -12.38 -21.08
CA SER A 153 -5.27 -12.97 -20.32
C SER A 153 -5.30 -12.37 -18.90
N LYS A 154 -6.49 -12.27 -18.32
CA LYS A 154 -6.57 -11.70 -16.99
C LYS A 154 -6.27 -12.73 -15.91
N ASP A 155 -5.67 -12.29 -14.82
CA ASP A 155 -5.35 -13.19 -13.71
C ASP A 155 -6.69 -13.62 -13.12
N PRO A 156 -6.91 -14.93 -12.99
CA PRO A 156 -8.17 -15.46 -12.44
C PRO A 156 -8.47 -14.85 -11.07
N ARG A 157 -7.42 -14.45 -10.36
CA ARG A 157 -7.55 -13.86 -9.02
C ARG A 157 -7.95 -12.38 -8.99
N GLY A 158 -7.97 -11.71 -10.14
CA GLY A 158 -8.34 -10.30 -10.12
C GLY A 158 -9.04 -9.72 -11.35
N GLY A 159 -8.57 -8.55 -11.78
CA GLY A 159 -9.16 -7.90 -12.94
C GLY A 159 -10.62 -7.57 -12.73
N ILE A 160 -10.97 -7.21 -11.49
CA ILE A 160 -12.36 -6.91 -11.18
C ILE A 160 -12.87 -5.68 -11.94
N PHE A 161 -12.00 -4.72 -12.18
CA PHE A 161 -12.39 -3.50 -12.89
C PHE A 161 -11.77 -3.41 -14.28
N ASP A 162 -11.38 -4.56 -14.82
CA ASP A 162 -10.74 -4.62 -16.14
C ASP A 162 -11.65 -4.31 -17.34
N ALA A 163 -12.89 -3.90 -17.09
CA ALA A 163 -13.77 -3.53 -18.19
C ALA A 163 -13.39 -2.09 -18.52
N VAL A 164 -12.91 -1.39 -17.51
CA VAL A 164 -12.49 0.00 -17.65
C VAL A 164 -10.96 0.09 -17.59
N PHE A 165 -10.38 -0.52 -16.57
CA PHE A 165 -8.92 -0.49 -16.46
C PHE A 165 -8.35 -1.74 -17.11
N THR A 166 -8.21 -1.64 -18.42
CA THR A 166 -7.72 -2.73 -19.26
C THR A 166 -6.22 -2.95 -19.17
N ARG A 167 -5.79 -4.06 -19.75
CA ARG A 167 -4.40 -4.43 -19.78
C ARG A 167 -3.79 -4.02 -21.14
N GLY A 168 -2.71 -3.26 -21.11
CA GLY A 168 -2.09 -2.83 -22.35
C GLY A 168 -2.26 -1.35 -22.64
N ASP A 169 -3.33 -0.76 -22.09
CA ASP A 169 -3.61 0.66 -22.28
C ASP A 169 -2.85 1.33 -21.15
N GLN A 170 -1.62 1.72 -21.45
CA GLN A 170 -0.73 2.37 -20.49
C GLN A 170 -1.38 3.51 -19.71
N SER A 171 -2.35 4.21 -20.31
CA SER A 171 -3.01 5.29 -19.61
C SER A 171 -4.00 4.76 -18.56
N LYS A 172 -4.16 3.44 -18.51
CA LYS A 172 -5.07 2.83 -17.55
C LYS A 172 -4.32 2.10 -16.43
N LEU A 173 -3.01 2.36 -16.36
CA LEU A 173 -2.14 1.79 -15.33
C LEU A 173 -2.17 2.83 -14.22
N LEU A 174 -2.62 2.45 -13.03
CA LEU A 174 -2.73 3.38 -11.91
C LEU A 174 -1.59 3.34 -10.89
N THR A 175 -0.68 2.38 -11.04
CA THR A 175 0.43 2.22 -10.11
C THR A 175 1.77 2.64 -10.69
N SER A 176 2.75 2.76 -9.80
CA SER A 176 4.09 3.10 -10.20
C SER A 176 5.03 2.53 -9.15
N ARG A 177 6.31 2.54 -9.49
CA ARG A 177 7.32 1.99 -8.61
C ARG A 177 8.60 2.80 -8.80
N HIS A 178 9.30 3.09 -7.71
CA HIS A 178 10.53 3.88 -7.79
C HIS A 178 11.58 3.33 -6.84
N ASP A 179 12.78 3.13 -7.38
CA ASP A 179 13.88 2.62 -6.60
C ASP A 179 14.67 3.78 -6.00
N PHE A 180 15.00 3.67 -4.71
CA PHE A 180 15.76 4.69 -4.01
C PHE A 180 17.23 4.29 -4.07
N LYS A 181 17.50 3.31 -4.94
CA LYS A 181 18.83 2.78 -5.19
C LYS A 181 19.82 3.93 -5.19
N GLU A 182 20.51 4.08 -4.07
CA GLU A 182 21.49 5.13 -3.89
C GLU A 182 21.23 6.49 -4.57
N LYS A 183 20.27 7.19 -4.00
CA LYS A 183 19.86 8.52 -4.38
C LYS A 183 19.97 9.21 -3.02
N ASN A 184 19.90 10.53 -2.96
CA ASN A 184 20.02 11.18 -1.67
C ASN A 184 18.72 11.67 -1.03
N LEU A 185 18.89 12.20 0.18
CA LEU A 185 17.79 12.73 0.98
C LEU A 185 16.90 13.69 0.20
N LYS A 186 17.52 14.58 -0.57
CA LYS A 186 16.78 15.56 -1.37
C LYS A 186 15.94 14.89 -2.45
N GLU A 187 16.57 14.02 -3.24
CA GLU A 187 15.87 13.30 -4.30
C GLU A 187 14.69 12.52 -3.75
N ILE A 188 14.94 11.79 -2.66
CA ILE A 188 13.89 11.00 -2.02
C ILE A 188 12.80 11.91 -1.44
N SER A 189 13.21 13.00 -0.81
CA SER A 189 12.27 13.95 -0.21
C SER A 189 11.35 14.58 -1.25
N ASP A 190 11.92 14.92 -2.41
CA ASP A 190 11.16 15.54 -3.50
C ASP A 190 10.18 14.57 -4.16
N LEU A 191 10.57 13.30 -4.25
CA LEU A 191 9.74 12.31 -4.90
C LEU A 191 8.53 11.99 -4.04
N ILE A 192 8.76 11.92 -2.74
CA ILE A 192 7.68 11.59 -1.83
C ILE A 192 6.71 12.76 -1.75
N LYS A 193 7.23 13.96 -1.54
CA LYS A 193 6.37 15.13 -1.46
C LYS A 193 5.58 15.28 -2.74
N LYS A 194 6.20 14.92 -3.85
CA LYS A 194 5.57 15.03 -5.16
C LYS A 194 4.35 14.13 -5.32
N GLU A 195 4.57 12.83 -5.16
CA GLU A 195 3.49 11.87 -5.28
C GLU A 195 2.35 12.19 -4.31
N LEU A 196 2.67 12.61 -3.10
CA LEU A 196 1.62 12.97 -2.16
C LEU A 196 0.83 14.12 -2.79
N THR A 197 1.57 15.14 -3.21
CA THR A 197 1.01 16.33 -3.83
C THR A 197 0.14 16.05 -5.06
N GLU A 198 0.54 15.07 -5.87
CA GLU A 198 -0.23 14.72 -7.06
C GLU A 198 -1.44 13.84 -6.73
N GLY A 199 -1.76 13.72 -5.44
CA GLY A 199 -2.91 12.95 -5.00
C GLY A 199 -2.89 11.43 -5.08
N LYS A 200 -1.73 10.81 -4.83
CA LYS A 200 -1.57 9.35 -4.87
C LYS A 200 -1.46 8.73 -3.47
N ALA A 201 -1.65 7.41 -3.41
CA ALA A 201 -1.52 6.65 -2.16
C ALA A 201 -0.11 6.08 -2.23
N LEU A 202 0.63 6.14 -1.13
CA LEU A 202 2.00 5.65 -1.12
C LEU A 202 2.35 4.47 -0.22
N GLY A 203 3.27 3.66 -0.74
CA GLY A 203 3.79 2.48 -0.04
C GLY A 203 5.30 2.63 0.02
N LEU A 204 5.91 2.17 1.11
CA LEU A 204 7.37 2.31 1.25
C LEU A 204 8.04 1.00 1.66
N SER A 205 9.16 0.68 1.04
CA SER A 205 9.88 -0.54 1.37
C SER A 205 11.17 -0.16 2.09
N HIS A 206 11.61 -1.03 2.99
CA HIS A 206 12.84 -0.77 3.73
C HIS A 206 13.45 -2.06 4.26
N THR A 207 14.67 -1.95 4.76
CA THR A 207 15.39 -3.10 5.29
C THR A 207 14.85 -3.53 6.64
N TYR A 208 14.89 -4.83 6.89
CA TYR A 208 14.41 -5.37 8.16
C TYR A 208 15.57 -6.11 8.83
N ALA A 209 15.25 -6.99 9.77
CA ALA A 209 16.28 -7.75 10.47
C ALA A 209 16.02 -9.22 10.15
N ASN A 210 15.29 -9.46 9.06
CA ASN A 210 14.96 -10.82 8.63
C ASN A 210 15.89 -11.34 7.53
N VAL A 211 15.46 -12.42 6.86
CA VAL A 211 16.24 -13.04 5.79
C VAL A 211 16.42 -12.15 4.55
N ARG A 212 15.31 -11.76 3.92
CA ARG A 212 15.36 -10.90 2.74
C ARG A 212 16.02 -9.59 3.14
N ILE A 213 15.55 -9.09 4.29
CA ILE A 213 15.96 -7.83 4.92
C ILE A 213 15.05 -6.76 4.27
N ASN A 214 13.86 -7.17 3.86
CA ASN A 214 12.89 -6.29 3.20
C ASN A 214 11.49 -6.27 3.81
N HIS A 215 10.97 -5.06 4.03
CA HIS A 215 9.66 -4.86 4.63
C HIS A 215 8.88 -3.75 3.89
N VAL A 216 7.55 -3.84 3.88
CA VAL A 216 6.73 -2.84 3.21
C VAL A 216 5.64 -2.24 4.12
N ILE A 217 5.52 -0.91 4.13
CA ILE A 217 4.55 -0.19 4.95
C ILE A 217 3.88 0.98 4.18
N ASN A 218 2.77 1.47 4.72
CA ASN A 218 2.04 2.58 4.10
C ASN A 218 2.57 3.90 4.66
N LEU A 219 2.72 4.89 3.78
CA LEU A 219 3.23 6.21 4.16
C LEU A 219 2.07 7.18 3.89
N TRP A 220 1.45 7.69 4.96
CA TRP A 220 0.30 8.56 4.80
C TRP A 220 0.55 10.06 4.77
N GLY A 221 1.58 10.52 5.45
CA GLY A 221 1.90 11.94 5.46
C GLY A 221 3.37 12.18 5.72
N ALA A 222 3.83 13.39 5.40
CA ALA A 222 5.23 13.71 5.61
C ALA A 222 5.49 15.14 6.08
N ASP A 223 6.55 15.30 6.87
CA ASP A 223 6.96 16.60 7.38
C ASP A 223 8.30 16.95 6.75
N PHE A 224 8.42 18.14 6.18
CA PHE A 224 9.67 18.55 5.55
C PHE A 224 10.22 19.73 6.32
N ASP A 225 11.54 19.94 6.25
CA ASP A 225 12.14 21.07 6.95
C ASP A 225 12.24 22.30 6.04
N SER A 226 12.98 23.30 6.50
CA SER A 226 13.13 24.54 5.73
C SER A 226 13.77 24.37 4.34
N ASN A 227 14.71 23.43 4.19
CA ASN A 227 15.34 23.21 2.88
C ASN A 227 14.56 22.20 2.03
N GLY A 228 13.37 21.81 2.47
CA GLY A 228 12.59 20.85 1.71
C GLY A 228 12.95 19.39 1.96
N ASN A 229 13.91 19.14 2.84
CA ASN A 229 14.32 17.79 3.16
C ASN A 229 13.42 17.16 4.21
N LEU A 230 13.13 15.88 4.01
CA LEU A 230 12.26 15.10 4.87
C LEU A 230 12.75 15.02 6.33
N LYS A 231 11.82 15.16 7.28
CA LYS A 231 12.14 15.07 8.71
C LYS A 231 11.42 13.87 9.32
N ALA A 232 10.19 13.63 8.88
CA ALA A 232 9.41 12.52 9.39
C ALA A 232 8.32 12.09 8.42
N ILE A 233 7.81 10.89 8.66
CA ILE A 233 6.74 10.32 7.87
C ILE A 233 5.77 9.63 8.82
N TYR A 234 4.49 9.68 8.49
CA TYR A 234 3.50 9.02 9.33
C TYR A 234 3.08 7.79 8.56
N VAL A 235 3.20 6.65 9.22
CA VAL A 235 2.92 5.37 8.60
C VAL A 235 2.05 4.39 9.39
N THR A 236 1.56 3.38 8.67
CA THR A 236 0.86 2.28 9.29
C THR A 236 1.72 1.10 8.85
N ASP A 237 1.79 0.11 9.73
CA ASP A 237 2.62 -1.06 9.51
C ASP A 237 1.76 -2.25 9.89
N SER A 238 1.66 -3.24 9.01
CA SER A 238 0.81 -4.40 9.28
C SER A 238 1.40 -5.38 10.30
N ASP A 239 2.65 -5.13 10.70
CA ASP A 239 3.35 -5.97 11.67
C ASP A 239 3.06 -5.46 13.08
N SER A 240 2.75 -4.16 13.15
CA SER A 240 2.44 -3.49 14.41
C SER A 240 1.21 -4.07 15.06
N ASN A 241 1.24 -4.12 16.39
CA ASN A 241 0.13 -4.59 17.19
C ASN A 241 -1.04 -3.68 16.75
N ALA A 242 -2.22 -4.24 16.58
CA ALA A 242 -3.39 -3.48 16.13
C ALA A 242 -3.73 -2.25 16.98
N SER A 243 -3.26 -2.22 18.21
CA SER A 243 -3.53 -1.11 19.11
C SER A 243 -2.65 0.12 18.85
N ILE A 244 -1.55 -0.08 18.12
CA ILE A 244 -0.62 1.01 17.81
C ILE A 244 -1.24 2.01 16.84
N GLY A 245 -1.50 1.56 15.61
CA GLY A 245 -2.08 2.42 14.60
C GLY A 245 -1.06 3.20 13.78
N MET A 246 -1.30 4.49 13.65
CA MET A 246 -0.44 5.41 12.90
C MET A 246 0.86 5.70 13.66
N LYS A 247 2.00 5.45 13.03
CA LYS A 247 3.28 5.71 13.68
C LYS A 247 4.01 6.90 13.07
N LYS A 248 4.86 7.50 13.89
CA LYS A 248 5.68 8.61 13.46
C LYS A 248 7.11 8.09 13.41
N TYR A 249 7.72 8.19 12.23
CA TYR A 249 9.09 7.75 12.05
C TYR A 249 10.00 8.94 11.81
N PHE A 250 11.22 8.86 12.32
CA PHE A 250 12.19 9.92 12.12
C PHE A 250 12.90 9.60 10.82
N VAL A 251 13.29 10.63 10.07
CA VAL A 251 13.99 10.44 8.81
C VAL A 251 15.31 11.19 8.81
N GLY A 252 16.40 10.45 8.60
CA GLY A 252 17.71 11.08 8.56
C GLY A 252 18.76 10.23 7.87
N VAL A 253 19.94 10.81 7.64
CA VAL A 253 21.03 10.08 7.00
C VAL A 253 21.80 9.33 8.10
N ASN A 254 21.95 8.02 7.96
CA ASN A 254 22.66 7.28 9.01
C ASN A 254 24.20 7.30 8.87
N SER A 255 24.88 6.67 9.84
CA SER A 255 26.34 6.67 9.87
C SER A 255 27.02 6.01 8.67
N ALA A 256 26.22 5.31 7.87
CA ALA A 256 26.71 4.63 6.68
C ALA A 256 26.30 5.42 5.44
N GLY A 257 25.77 6.62 5.66
CA GLY A 257 25.35 7.47 4.56
C GLY A 257 24.04 7.06 3.90
N LYS A 258 23.21 6.34 4.64
CA LYS A 258 21.94 5.87 4.10
C LYS A 258 20.75 6.65 4.65
N VAL A 259 19.78 6.95 3.78
CA VAL A 259 18.58 7.62 4.24
C VAL A 259 17.84 6.53 5.02
N ALA A 260 17.57 6.78 6.29
CA ALA A 260 16.90 5.78 7.10
C ALA A 260 15.76 6.33 7.94
N ILE A 261 14.90 5.41 8.35
CA ILE A 261 13.75 5.74 9.15
C ILE A 261 13.81 4.93 10.45
N SER A 262 13.29 5.51 11.53
CA SER A 262 13.26 4.85 12.82
C SER A 262 12.21 5.49 13.72
N ALA A 263 11.71 4.73 14.69
CA ALA A 263 10.69 5.22 15.63
C ALA A 263 11.31 6.23 16.59
N LYS A 264 12.64 6.25 16.61
CA LYS A 264 13.41 7.16 17.46
C LYS A 264 14.39 7.96 16.61
N GLU A 265 14.80 9.11 17.13
CA GLU A 265 15.76 10.00 16.48
C GLU A 265 16.87 9.21 15.78
N ILE A 266 17.34 9.69 14.64
CA ILE A 266 18.41 9.00 13.94
C ILE A 266 19.76 9.53 14.46
N LYS A 267 20.50 8.67 15.15
CA LYS A 267 21.81 9.06 15.70
C LYS A 267 22.86 8.01 15.37
N GLU A 268 23.95 8.04 16.13
CA GLU A 268 25.03 7.08 15.97
C GLU A 268 24.59 5.78 16.65
N ASP A 269 23.87 5.93 17.74
CA ASP A 269 23.36 4.81 18.54
C ASP A 269 22.07 4.27 17.92
N ASN A 270 21.58 4.94 16.89
CA ASN A 270 20.34 4.55 16.22
C ASN A 270 20.47 4.80 14.73
N ILE A 271 20.88 3.78 13.97
CA ILE A 271 21.05 3.97 12.52
C ILE A 271 19.76 3.82 11.74
N GLY A 272 18.77 3.18 12.36
CA GLY A 272 17.48 2.99 11.71
C GLY A 272 17.52 2.04 10.53
N ALA A 273 16.41 1.94 9.82
CA ALA A 273 16.33 1.05 8.66
C ALA A 273 16.35 1.89 7.39
N GLN A 274 17.29 1.56 6.51
CA GLN A 274 17.42 2.25 5.25
C GLN A 274 16.17 2.04 4.40
N VAL A 275 15.75 3.09 3.70
CA VAL A 275 14.59 2.98 2.85
C VAL A 275 15.07 2.49 1.47
N LEU A 276 14.30 1.62 0.85
CA LEU A 276 14.67 1.06 -0.44
C LEU A 276 13.92 1.57 -1.65
N GLY A 277 12.60 1.67 -1.56
CA GLY A 277 11.83 2.12 -2.70
C GLY A 277 10.44 2.66 -2.39
N LEU A 278 9.68 2.95 -3.44
CA LEU A 278 8.36 3.51 -3.25
C LEU A 278 7.37 3.00 -4.30
N PHE A 279 6.13 2.78 -3.86
CA PHE A 279 5.07 2.34 -4.74
C PHE A 279 3.92 3.33 -4.64
N THR A 280 3.23 3.58 -5.74
CA THR A 280 2.12 4.52 -5.71
C THR A 280 0.88 3.99 -6.37
N LEU A 281 -0.24 4.57 -5.99
CA LEU A 281 -1.53 4.22 -6.55
C LEU A 281 -2.29 5.52 -6.81
N SER A 282 -2.80 5.69 -8.03
CA SER A 282 -3.55 6.90 -8.32
C SER A 282 -5.03 6.51 -8.32
N THR A 283 -5.91 7.47 -8.02
CA THR A 283 -7.35 7.20 -7.97
C THR A 283 -7.91 6.70 -9.28
N GLY A 284 -7.40 7.23 -10.39
CA GLY A 284 -7.88 6.84 -11.71
C GLY A 284 -9.29 7.40 -11.88
N GLN A 285 -9.58 8.51 -11.21
CA GLN A 285 -10.92 9.09 -11.24
C GLN A 285 -11.40 9.69 -12.55
N ASP A 286 -10.51 9.89 -13.52
CA ASP A 286 -10.91 10.46 -14.81
C ASP A 286 -10.87 9.41 -15.91
N SER A 287 -10.82 8.14 -15.53
CA SER A 287 -10.76 7.07 -16.52
C SER A 287 -11.96 6.14 -16.44
N TRP A 288 -12.98 6.53 -15.68
CA TRP A 288 -14.17 5.70 -15.53
C TRP A 288 -15.15 5.76 -16.67
N ASN A 289 -15.24 6.91 -17.32
CA ASN A 289 -16.19 7.01 -18.41
C ASN A 289 -15.75 6.08 -19.55
N GLN A 290 -16.70 5.29 -20.03
CA GLN A 290 -16.44 4.34 -21.11
C GLN A 290 -17.06 4.81 -22.42
N THR A 291 -17.80 5.90 -22.35
CA THR A 291 -18.46 6.44 -23.54
C THR A 291 -17.53 7.44 -24.21
N ASN A 292 -16.43 7.71 -23.53
CA ASN A 292 -15.41 8.65 -23.97
C ASN A 292 -15.22 8.93 -25.45
C1 BME B . 8.07 -9.26 7.97
C2 BME B . 7.99 -8.66 6.61
O1 BME B . 7.03 -9.09 8.70
S2 BME B . 6.61 -9.42 5.66
#